data_2QS7
#
_entry.id   2QS7
#
_cell.length_a   112.360
_cell.length_b   112.360
_cell.length_c   293.284
_cell.angle_alpha   90.00
_cell.angle_beta   90.00
_cell.angle_gamma   120.00
#
_symmetry.space_group_name_H-M   'H 3 2'
#
loop_
_entity.id
_entity.type
_entity.pdbx_description
1 polymer 'Uncharacterized protein'
2 non-polymer 'CHLORIDE ION'
3 non-polymer '4-(2-HYDROXYETHYL)-1-PIPERAZINE ETHANESULFONIC ACID'
4 water water
#
_entity_poly.entity_id   1
_entity_poly.type   'polypeptide(L)'
_entity_poly.pdbx_seq_one_letter_code
;G(MSE)AEEKKKKLSIIVFSGTIDKL(MSE)PVGILTSGAAASGYEVNLFFTFWGLQAITKRSLNSQQPPQIDKNYEQ
(MSE)GPI(MSE)(MSE)QK(MSE)QE(MSE)KYP(MSE)WHQLVQQAKEIGEVKVFACSTT(MSE)EFFGIKREDLAEF
VDDVVGVATFLDRAEGGTTLFI
;
_entity_poly.pdbx_strand_id   A,B,C,D
#
# COMPACT_ATOMS: atom_id res chain seq x y z
N LYS A 7 4.20 20.34 -12.24
CA LYS A 7 3.24 19.33 -12.85
C LYS A 7 2.53 18.39 -11.85
N LYS A 8 1.22 18.46 -11.88
CA LYS A 8 0.32 17.69 -11.06
C LYS A 8 0.52 16.20 -11.32
N LYS A 9 0.32 15.40 -10.29
CA LYS A 9 0.57 13.96 -10.42
C LYS A 9 -0.47 13.16 -9.75
N LEU A 10 -0.85 12.07 -10.40
CA LEU A 10 -1.78 11.09 -9.89
C LEU A 10 -1.14 9.69 -9.99
N SER A 11 -1.14 8.96 -8.88
CA SER A 11 -0.63 7.61 -8.86
C SER A 11 -1.70 6.69 -8.34
N ILE A 12 -1.87 5.56 -8.98
CA ILE A 12 -2.92 4.62 -8.59
C ILE A 12 -2.37 3.21 -8.47
N ILE A 13 -2.68 2.58 -7.34
CA ILE A 13 -2.37 1.16 -7.13
C ILE A 13 -3.62 0.44 -7.59
N VAL A 14 -3.48 -0.25 -8.71
CA VAL A 14 -4.61 -0.98 -9.32
C VAL A 14 -4.55 -2.37 -8.78
N PHE A 15 -5.23 -2.56 -7.65
CA PHE A 15 -5.29 -3.86 -6.99
C PHE A 15 -6.40 -4.74 -7.51
N SER A 16 -7.54 -4.10 -7.76
CA SER A 16 -8.76 -4.82 -8.21
C SER A 16 -8.70 -5.26 -9.66
N GLY A 17 -9.48 -6.30 -9.98
CA GLY A 17 -9.51 -6.84 -11.33
C GLY A 17 -10.90 -6.97 -11.94
N THR A 18 -11.93 -6.45 -11.28
CA THR A 18 -13.28 -6.52 -11.82
C THR A 18 -13.47 -5.33 -12.77
N ILE A 19 -14.37 -5.49 -13.73
CA ILE A 19 -14.56 -4.47 -14.75
C ILE A 19 -15.05 -3.15 -14.17
N ASP A 20 -15.88 -3.20 -13.14
CA ASP A 20 -16.42 -1.98 -12.54
C ASP A 20 -15.35 -1.18 -11.84
N LYS A 21 -14.24 -1.80 -11.47
CA LYS A 21 -13.13 -1.04 -10.88
C LYS A 21 -12.09 -0.66 -11.92
N LEU A 22 -11.94 -1.46 -12.96
CA LEU A 22 -10.99 -1.15 -14.01
C LEU A 22 -11.47 0.05 -14.82
N PRO A 24 -13.14 2.93 -13.84
CA PRO A 24 -12.64 4.11 -13.14
C PRO A 24 -11.15 4.34 -13.36
N VAL A 25 -10.35 3.27 -13.32
CA VAL A 25 -8.89 3.40 -13.57
C VAL A 25 -8.68 4.03 -14.95
N GLY A 26 -9.39 3.51 -15.96
CA GLY A 26 -9.30 4.07 -17.31
C GLY A 26 -9.76 5.53 -17.40
N ILE A 27 -10.87 5.84 -16.74
CA ILE A 27 -11.46 7.17 -16.80
C ILE A 27 -10.59 8.16 -16.03
N LEU A 28 -10.11 7.78 -14.87
CA LEU A 28 -9.20 8.65 -14.12
C LEU A 28 -7.94 8.93 -14.93
N THR A 29 -7.36 7.86 -15.48
CA THR A 29 -6.11 8.01 -16.22
C THR A 29 -6.28 8.93 -17.40
N SER A 30 -7.36 8.70 -18.16
CA SER A 30 -7.66 9.43 -19.37
C SER A 30 -7.92 10.89 -19.07
N GLY A 31 -8.75 11.14 -18.07
CA GLY A 31 -9.11 12.50 -17.66
C GLY A 31 -7.93 13.26 -17.09
N ALA A 32 -7.15 12.62 -16.22
CA ALA A 32 -5.98 13.28 -15.64
C ALA A 32 -4.94 13.60 -16.70
N ALA A 33 -4.63 12.63 -17.57
CA ALA A 33 -3.64 12.84 -18.62
C ALA A 33 -4.06 13.99 -19.52
N ALA A 34 -5.35 14.04 -19.89
CA ALA A 34 -5.85 15.11 -20.76
C ALA A 34 -5.75 16.48 -20.07
N SER A 35 -5.80 16.47 -18.75
CA SER A 35 -5.68 17.68 -17.96
C SER A 35 -4.22 18.10 -17.66
N GLY A 36 -3.24 17.35 -18.18
CA GLY A 36 -1.86 17.70 -17.94
C GLY A 36 -1.19 17.03 -16.74
N TYR A 37 -1.85 16.07 -16.11
CA TYR A 37 -1.23 15.33 -15.02
C TYR A 37 -0.24 14.27 -15.48
N GLU A 38 0.77 13.99 -14.67
CA GLU A 38 1.64 12.86 -14.84
C GLU A 38 0.84 11.75 -14.14
N VAL A 39 0.66 10.59 -14.77
CA VAL A 39 -0.08 9.52 -14.17
C VAL A 39 0.79 8.28 -14.08
N ASN A 40 0.82 7.66 -12.90
CA ASN A 40 1.56 6.45 -12.67
C ASN A 40 0.58 5.39 -12.25
N LEU A 41 0.59 4.25 -12.94
CA LEU A 41 -0.27 3.14 -12.57
C LEU A 41 0.59 1.97 -12.13
N PHE A 42 0.23 1.38 -11.00
CA PHE A 42 0.93 0.22 -10.47
CA PHE A 42 0.94 0.24 -10.44
C PHE A 42 -0.04 -0.95 -10.35
N PHE A 43 0.10 -1.93 -11.24
CA PHE A 43 -0.80 -3.07 -11.24
C PHE A 43 -0.28 -4.16 -10.35
N THR A 44 -1.11 -4.56 -9.40
CA THR A 44 -0.73 -5.53 -8.40
C THR A 44 -1.90 -6.48 -8.16
N PHE A 45 -1.60 -7.65 -7.61
CA PHE A 45 -2.62 -8.66 -7.36
C PHE A 45 -3.56 -8.86 -8.53
N TRP A 46 -4.85 -8.60 -8.32
CA TRP A 46 -5.85 -8.90 -9.34
C TRP A 46 -5.72 -8.00 -10.55
N GLY A 47 -5.24 -6.80 -10.32
CA GLY A 47 -5.04 -5.84 -11.37
C GLY A 47 -3.92 -6.28 -12.27
N LEU A 48 -2.93 -6.96 -11.71
CA LEU A 48 -1.82 -7.42 -12.52
C LEU A 48 -2.32 -8.53 -13.43
N GLN A 49 -3.19 -9.36 -12.90
CA GLN A 49 -3.80 -10.45 -13.68
C GLN A 49 -4.50 -9.87 -14.92
N ALA A 50 -5.18 -8.75 -14.69
CA ALA A 50 -5.94 -8.06 -15.71
C ALA A 50 -5.09 -7.48 -16.86
N ILE A 51 -3.80 -7.27 -16.66
CA ILE A 51 -2.94 -6.77 -17.73
C ILE A 51 -2.06 -7.86 -18.34
N THR A 52 -2.35 -9.12 -18.06
CA THR A 52 -1.63 -10.21 -18.72
C THR A 52 -2.28 -10.32 -20.09
N LYS A 53 -1.47 -10.67 -21.11
CA LYS A 53 -1.98 -10.86 -22.47
C LYS A 53 -3.10 -11.87 -22.50
N ARG A 54 -2.97 -12.92 -21.70
CA ARG A 54 -4.02 -13.95 -21.64
C ARG A 54 -5.36 -13.35 -21.22
N SER A 55 -5.34 -12.50 -20.20
CA SER A 55 -6.58 -11.90 -19.70
C SER A 55 -7.17 -10.92 -20.70
N LEU A 56 -6.30 -10.11 -21.28
CA LEU A 56 -6.73 -9.09 -22.24
C LEU A 56 -7.34 -9.68 -23.48
N ASN A 57 -6.83 -10.81 -23.93
CA ASN A 57 -7.33 -11.47 -25.13
C ASN A 57 -8.46 -12.46 -24.87
N SER A 58 -8.80 -12.70 -23.61
CA SER A 58 -9.86 -13.66 -23.28
C SER A 58 -11.19 -13.28 -23.89
N GLN A 59 -11.92 -14.30 -24.33
CA GLN A 59 -13.23 -14.11 -24.92
C GLN A 59 -14.30 -14.11 -23.82
N GLN A 60 -13.91 -14.52 -22.60
CA GLN A 60 -14.86 -14.61 -21.48
C GLN A 60 -15.36 -13.21 -21.04
N PRO A 61 -16.69 -13.10 -20.80
CA PRO A 61 -17.30 -11.81 -20.44
C PRO A 61 -16.69 -11.20 -19.18
N PRO A 62 -16.37 -9.89 -19.21
CA PRO A 62 -15.74 -9.23 -18.03
C PRO A 62 -16.49 -9.51 -16.73
N GLN A 63 -15.77 -9.55 -15.61
CA GLN A 63 -16.40 -9.89 -14.34
C GLN A 63 -16.75 -8.64 -13.55
N ILE A 64 -18.03 -8.48 -13.22
CA ILE A 64 -18.50 -7.39 -12.35
C ILE A 64 -18.34 -7.85 -10.90
N ASP A 65 -18.18 -6.90 -10.00
CA ASP A 65 -18.13 -7.20 -8.57
C ASP A 65 -19.44 -7.93 -8.21
N LYS A 66 -19.33 -9.09 -7.57
CA LYS A 66 -20.49 -9.84 -7.15
C LYS A 66 -21.48 -9.01 -6.30
N ASN A 67 -20.97 -7.98 -5.61
CA ASN A 67 -21.83 -7.11 -4.80
C ASN A 67 -22.85 -6.31 -5.62
N TYR A 68 -22.55 -6.12 -6.91
CA TYR A 68 -23.41 -5.33 -7.80
C TYR A 68 -23.77 -6.11 -9.09
N GLU A 69 -23.87 -7.43 -9.02
CA GLU A 69 -24.25 -8.26 -10.19
C GLU A 69 -25.54 -7.80 -10.89
N GLN A 70 -26.61 -7.62 -10.11
CA GLN A 70 -27.93 -7.21 -10.62
C GLN A 70 -27.84 -5.97 -11.51
N GLY A 72 -25.08 -5.08 -13.29
CA GLY A 72 -24.06 -5.31 -14.33
C GLY A 72 -24.52 -5.06 -15.75
N PRO A 73 -25.54 -5.78 -16.20
CA PRO A 73 -26.03 -5.61 -17.57
C PRO A 73 -26.38 -4.16 -17.94
N ILE A 74 -27.08 -3.43 -17.05
CA ILE A 74 -27.44 -2.01 -17.31
C ILE A 74 -26.21 -1.22 -17.74
N GLN A 77 -24.49 -2.76 -21.15
CA GLN A 77 -25.34 -2.39 -22.27
C GLN A 77 -25.20 -0.89 -22.60
N LYS A 78 -25.24 -0.02 -21.59
CA LYS A 78 -25.20 1.42 -21.82
C LYS A 78 -23.85 1.93 -22.33
N GLN A 80 -21.60 -0.13 -24.25
CA GLN A 80 -21.45 -0.59 -25.63
C GLN A 80 -22.38 0.25 -26.54
N GLU A 81 -23.49 0.74 -25.99
CA GLU A 81 -24.44 1.61 -26.69
C GLU A 81 -23.82 2.97 -27.00
N LYS A 83 -20.62 3.24 -27.23
CA LYS A 83 -19.35 2.87 -27.85
C LYS A 83 -18.22 3.39 -26.97
N TYR A 84 -18.40 3.24 -25.67
CA TYR A 84 -17.43 3.75 -24.73
C TYR A 84 -16.19 2.84 -24.81
N PRO A 85 -14.98 3.42 -24.95
CA PRO A 85 -13.77 2.57 -25.03
C PRO A 85 -13.56 1.68 -23.82
N TRP A 87 -11.41 -0.06 -20.77
CA TRP A 87 -10.50 0.55 -19.85
C TRP A 87 -9.05 0.61 -20.32
N HIS A 88 -8.57 -0.48 -20.91
CA HIS A 88 -7.18 -0.52 -21.35
C HIS A 88 -6.92 0.37 -22.55
N GLN A 89 -7.93 0.58 -23.39
CA GLN A 89 -7.82 1.48 -24.53
C GLN A 89 -7.70 2.90 -24.03
N LEU A 90 -8.44 3.23 -22.97
CA LEU A 90 -8.34 4.55 -22.36
C LEU A 90 -6.93 4.76 -21.80
N VAL A 91 -6.34 3.73 -21.21
CA VAL A 91 -4.98 3.87 -20.69
C VAL A 91 -3.97 4.07 -21.83
N GLN A 92 -4.05 3.24 -22.87
CA GLN A 92 -3.13 3.33 -23.96
C GLN A 92 -3.25 4.67 -24.68
N GLN A 93 -4.48 5.14 -24.86
CA GLN A 93 -4.69 6.45 -25.51
C GLN A 93 -4.11 7.54 -24.63
N ALA A 94 -4.25 7.39 -23.31
CA ALA A 94 -3.71 8.38 -22.38
C ALA A 94 -2.18 8.44 -22.51
N LYS A 95 -1.52 7.29 -22.68
CA LYS A 95 -0.07 7.26 -22.86
C LYS A 95 0.35 8.02 -24.09
N GLU A 96 -0.45 7.95 -25.16
CA GLU A 96 -0.13 8.66 -26.40
C GLU A 96 -0.35 10.17 -26.23
N ILE A 97 -1.36 10.55 -25.47
CA ILE A 97 -1.71 11.95 -25.24
C ILE A 97 -0.85 12.66 -24.19
N GLY A 98 -0.58 12.00 -23.07
CA GLY A 98 0.15 12.60 -21.98
C GLY A 98 1.28 11.76 -21.45
N GLU A 99 1.59 11.97 -20.18
CA GLU A 99 2.70 11.30 -19.50
C GLU A 99 2.11 10.25 -18.55
N VAL A 100 2.01 9.03 -19.04
CA VAL A 100 1.43 7.94 -18.30
C VAL A 100 2.44 6.81 -18.28
N LYS A 101 2.70 6.28 -17.08
CA LYS A 101 3.61 5.16 -16.92
C LYS A 101 2.86 4.01 -16.26
N VAL A 102 3.06 2.82 -16.81
CA VAL A 102 2.41 1.61 -16.34
C VAL A 102 3.45 0.70 -15.80
N PHE A 103 3.30 0.36 -14.52
CA PHE A 103 4.20 -0.52 -13.81
C PHE A 103 3.48 -1.78 -13.37
N ALA A 104 4.22 -2.88 -13.33
CA ALA A 104 3.75 -4.16 -12.86
C ALA A 104 4.48 -4.48 -11.58
N CYS A 105 3.75 -4.98 -10.60
CA CYS A 105 4.26 -5.37 -9.30
C CYS A 105 5.05 -6.67 -9.33
N SER A 106 6.32 -6.62 -8.97
CA SER A 106 7.18 -7.78 -9.01
C SER A 106 6.80 -8.85 -8.00
N THR A 107 6.26 -8.47 -6.83
CA THR A 107 5.90 -9.45 -5.79
C THR A 107 4.71 -10.33 -6.20
N THR A 108 3.67 -9.70 -6.69
CA THR A 108 2.51 -10.39 -7.22
C THR A 108 2.90 -11.32 -8.35
N GLU A 110 5.53 -13.03 -8.74
CA GLU A 110 6.06 -14.26 -8.14
C GLU A 110 4.91 -15.10 -7.57
N PHE A 111 3.97 -14.46 -6.87
CA PHE A 111 2.83 -15.20 -6.29
C PHE A 111 1.97 -15.89 -7.34
N PHE A 112 1.81 -15.29 -8.52
CA PHE A 112 0.97 -15.88 -9.56
C PHE A 112 1.72 -16.50 -10.72
N GLY A 113 3.04 -16.61 -10.60
CA GLY A 113 3.90 -17.21 -11.62
C GLY A 113 3.82 -16.52 -12.96
N ILE A 114 3.70 -15.20 -12.96
CA ILE A 114 3.62 -14.41 -14.18
C ILE A 114 5.01 -13.92 -14.52
N LYS A 115 5.39 -14.00 -15.80
CA LYS A 115 6.69 -13.52 -16.26
C LYS A 115 6.46 -12.26 -17.10
N ARG A 116 7.51 -11.48 -17.33
CA ARG A 116 7.42 -10.24 -18.10
CA ARG A 116 7.34 -10.21 -18.09
C ARG A 116 6.79 -10.45 -19.50
N GLU A 117 7.16 -11.56 -20.13
CA GLU A 117 6.66 -11.89 -21.48
C GLU A 117 5.15 -12.07 -21.50
N ASP A 118 4.57 -12.43 -20.36
CA ASP A 118 3.14 -12.62 -20.22
C ASP A 118 2.37 -11.30 -20.11
N LEU A 119 3.07 -10.19 -19.86
CA LEU A 119 2.42 -8.90 -19.66
C LEU A 119 2.16 -8.14 -20.95
N ALA A 120 1.11 -7.32 -20.96
CA ALA A 120 0.78 -6.48 -22.11
C ALA A 120 1.98 -5.59 -22.47
N GLU A 121 2.08 -5.24 -23.74
CA GLU A 121 3.19 -4.45 -24.27
C GLU A 121 3.29 -3.07 -23.64
N PHE A 122 2.16 -2.54 -23.21
CA PHE A 122 2.13 -1.20 -22.68
C PHE A 122 2.69 -1.08 -21.27
N VAL A 123 3.14 -2.18 -20.67
CA VAL A 123 3.77 -2.12 -19.36
C VAL A 123 5.17 -1.58 -19.57
N ASP A 124 5.51 -0.54 -18.86
CA ASP A 124 6.79 0.11 -18.96
C ASP A 124 7.87 -0.56 -18.13
N ASP A 125 7.53 -1.05 -16.95
CA ASP A 125 8.54 -1.68 -16.12
C ASP A 125 7.92 -2.51 -15.02
N VAL A 126 8.74 -3.39 -14.45
CA VAL A 126 8.36 -4.27 -13.36
C VAL A 126 9.13 -3.74 -12.17
N VAL A 127 8.42 -3.39 -11.11
CA VAL A 127 9.03 -2.76 -9.96
C VAL A 127 8.39 -3.24 -8.67
N GLY A 128 9.06 -2.90 -7.59
CA GLY A 128 8.56 -3.18 -6.27
C GLY A 128 7.91 -1.95 -5.64
N VAL A 129 7.41 -2.18 -4.43
CA VAL A 129 6.68 -1.21 -3.61
C VAL A 129 7.35 0.08 -3.35
N ALA A 130 8.58 0.03 -2.89
CA ALA A 130 9.26 1.28 -2.62
C ALA A 130 9.37 2.16 -3.85
N THR A 131 9.53 1.52 -4.99
CA THR A 131 9.65 2.26 -6.23
C THR A 131 8.37 3.04 -6.44
N PHE A 132 7.24 2.38 -6.20
CA PHE A 132 6.01 3.08 -6.42
CA PHE A 132 5.84 2.96 -6.19
C PHE A 132 5.73 4.16 -5.35
N LEU A 133 6.09 3.94 -4.12
CA LEU A 133 5.99 4.98 -3.15
C LEU A 133 6.78 6.19 -3.54
N ASP A 134 7.99 5.96 -4.05
CA ASP A 134 8.85 7.04 -4.45
C ASP A 134 8.24 7.82 -5.55
N ARG A 135 7.74 7.12 -6.56
CA ARG A 135 7.07 7.81 -7.67
C ARG A 135 5.83 8.55 -7.29
N ALA A 136 5.07 8.01 -6.35
CA ALA A 136 3.84 8.67 -5.91
C ALA A 136 4.00 9.86 -5.02
N GLU A 137 5.12 9.93 -4.34
CA GLU A 137 5.36 10.94 -3.35
C GLU A 137 5.11 12.34 -3.87
N GLY A 138 4.32 13.12 -3.14
CA GLY A 138 4.03 14.48 -3.50
C GLY A 138 2.80 14.67 -4.37
N GLY A 139 2.20 13.61 -4.88
CA GLY A 139 0.98 13.78 -5.70
C GLY A 139 -0.22 13.13 -5.01
N THR A 140 -1.33 13.06 -5.72
CA THR A 140 -2.50 12.37 -5.23
C THR A 140 -2.27 10.92 -5.48
N THR A 141 -2.59 10.08 -4.50
CA THR A 141 -2.39 8.61 -4.61
C THR A 141 -3.61 7.89 -4.13
N LEU A 142 -4.05 6.91 -4.93
CA LEU A 142 -5.28 6.12 -4.69
C LEU A 142 -4.99 4.65 -4.75
N PHE A 143 -5.74 3.88 -3.96
CA PHE A 143 -5.71 2.42 -3.98
C PHE A 143 -7.11 1.99 -4.42
N ILE A 144 -7.15 1.33 -5.57
CA ILE A 144 -8.37 0.90 -6.22
C ILE A 144 -8.42 -0.65 -6.35
N LYS B 7 10.66 13.97 6.81
CA LYS B 7 10.56 12.45 6.81
C LYS B 7 9.31 11.89 6.08
N LYS B 8 9.56 10.90 5.22
CA LYS B 8 8.52 10.28 4.41
C LYS B 8 7.52 9.53 5.31
N LYS B 9 6.24 9.61 4.95
CA LYS B 9 5.16 9.03 5.74
C LYS B 9 4.14 8.33 4.89
N LEU B 10 3.69 7.16 5.35
CA LEU B 10 2.62 6.39 4.73
C LEU B 10 1.58 6.07 5.80
N SER B 11 0.31 6.38 5.52
CA SER B 11 -0.76 6.09 6.44
C SER B 11 -1.77 5.29 5.66
N ILE B 12 -2.29 4.23 6.28
CA ILE B 12 -3.27 3.37 5.63
C ILE B 12 -4.45 3.15 6.54
N ILE B 13 -5.66 3.38 6.03
CA ILE B 13 -6.90 3.02 6.72
C ILE B 13 -7.19 1.58 6.25
N VAL B 14 -7.02 0.62 7.16
CA VAL B 14 -7.19 -0.78 6.85
C VAL B 14 -8.63 -1.12 7.17
N PHE B 15 -9.47 -0.96 6.18
CA PHE B 15 -10.89 -1.21 6.30
C PHE B 15 -11.29 -2.67 6.02
N SER B 16 -10.65 -3.23 5.02
CA SER B 16 -10.94 -4.59 4.57
C SER B 16 -10.37 -5.66 5.47
N GLY B 17 -10.97 -6.84 5.41
CA GLY B 17 -10.57 -7.93 6.26
C GLY B 17 -10.27 -9.24 5.55
N THR B 18 -10.23 -9.22 4.23
CA THR B 18 -9.93 -10.43 3.47
C THR B 18 -8.42 -10.55 3.33
N ILE B 19 -7.94 -11.76 3.21
CA ILE B 19 -6.51 -12.00 3.16
C ILE B 19 -5.81 -11.31 1.97
N ASP B 20 -6.52 -11.24 0.85
CA ASP B 20 -5.94 -10.63 -0.34
C ASP B 20 -5.74 -9.14 -0.16
N LYS B 21 -6.44 -8.52 0.78
CA LYS B 21 -6.23 -7.09 1.07
C LYS B 21 -5.28 -6.89 2.24
N LEU B 22 -5.26 -7.81 3.19
CA LEU B 22 -4.37 -7.72 4.31
C LEU B 22 -2.93 -7.95 3.89
N PRO B 24 -1.32 -6.95 1.02
CA PRO B 24 -0.80 -5.65 0.60
C PRO B 24 -0.48 -4.70 1.75
N VAL B 25 -1.32 -4.69 2.79
CA VAL B 25 -1.08 -3.88 3.95
C VAL B 25 0.25 -4.27 4.58
N GLY B 26 0.48 -5.57 4.78
CA GLY B 26 1.71 -6.06 5.34
C GLY B 26 2.91 -5.71 4.45
N ILE B 27 2.76 -5.91 3.14
CA ILE B 27 3.85 -5.68 2.19
C ILE B 27 4.19 -4.18 2.13
N LEU B 28 3.17 -3.35 2.05
CA LEU B 28 3.42 -1.92 2.03
C LEU B 28 4.08 -1.47 3.33
N THR B 29 3.57 -1.96 4.44
CA THR B 29 4.10 -1.56 5.75
C THR B 29 5.55 -1.96 5.90
N SER B 30 5.85 -3.19 5.53
CA SER B 30 7.17 -3.71 5.66
C SER B 30 8.14 -2.96 4.75
N GLY B 31 7.76 -2.76 3.50
CA GLY B 31 8.64 -2.05 2.53
C GLY B 31 8.83 -0.59 2.92
N ALA B 32 7.77 0.06 3.34
CA ALA B 32 7.88 1.45 3.74
C ALA B 32 8.77 1.58 4.96
N ALA B 33 8.59 0.69 5.93
CA ALA B 33 9.42 0.73 7.14
C ALA B 33 10.89 0.52 6.84
N ALA B 34 11.17 -0.47 5.97
CA ALA B 34 12.53 -0.76 5.55
C ALA B 34 13.13 0.43 4.83
N SER B 35 12.31 1.18 4.10
CA SER B 35 12.76 2.38 3.38
C SER B 35 12.97 3.60 4.28
N GLY B 36 12.67 3.49 5.57
CA GLY B 36 12.78 4.61 6.47
C GLY B 36 11.55 5.50 6.64
N TYR B 37 10.42 5.07 6.12
CA TYR B 37 9.16 5.79 6.29
C TYR B 37 8.59 5.68 7.73
N GLU B 38 7.81 6.68 8.11
CA GLU B 38 6.95 6.59 9.26
C GLU B 38 5.69 5.95 8.71
N VAL B 39 5.20 4.88 9.32
CA VAL B 39 3.97 4.21 8.87
C VAL B 39 2.92 4.26 9.96
N ASN B 40 1.74 4.71 9.61
CA ASN B 40 0.58 4.74 10.51
C ASN B 40 -0.52 3.84 9.95
N LEU B 41 -0.96 2.84 10.70
CA LEU B 41 -2.04 2.00 10.29
C LEU B 41 -3.25 2.26 11.17
N PHE B 42 -4.41 2.38 10.55
CA PHE B 42 -5.68 2.64 11.24
CA PHE B 42 -5.66 2.61 11.25
C PHE B 42 -6.67 1.52 10.89
N PHE B 43 -6.84 0.57 11.80
CA PHE B 43 -7.70 -0.56 11.58
C PHE B 43 -9.14 -0.22 11.95
N THR B 44 -10.03 -0.34 10.99
CA THR B 44 -11.43 0.01 11.15
C THR B 44 -12.30 -1.04 10.50
N PHE B 45 -13.58 -1.07 10.89
CA PHE B 45 -14.53 -2.06 10.38
C PHE B 45 -13.97 -3.49 10.29
N TRP B 46 -13.89 -4.04 9.08
CA TRP B 46 -13.47 -5.43 8.93
C TRP B 46 -12.01 -5.61 9.28
N GLY B 47 -11.21 -4.57 9.08
CA GLY B 47 -9.81 -4.63 9.40
C GLY B 47 -9.62 -4.72 10.90
N LEU B 48 -10.44 -4.01 11.66
CA LEU B 48 -10.33 -4.05 13.11
C LEU B 48 -10.66 -5.47 13.59
N GLN B 49 -11.66 -6.10 12.97
CA GLN B 49 -12.05 -7.46 13.31
C GLN B 49 -10.84 -8.38 13.12
N ALA B 50 -10.07 -8.12 12.07
CA ALA B 50 -8.90 -8.92 11.74
C ALA B 50 -7.75 -8.86 12.77
N ILE B 51 -7.70 -7.79 13.56
CA ILE B 51 -6.65 -7.63 14.58
C ILE B 51 -7.14 -7.97 15.99
N THR B 52 -8.31 -8.61 16.11
CA THR B 52 -8.76 -9.08 17.41
C THR B 52 -8.00 -10.37 17.64
N LYS B 53 -7.66 -10.63 18.89
CA LYS B 53 -6.96 -11.86 19.27
C LYS B 53 -7.72 -13.08 18.81
N ARG B 54 -9.05 -13.05 18.92
CA ARG B 54 -9.87 -14.18 18.46
C ARG B 54 -9.68 -14.45 16.98
N SER B 55 -9.66 -13.40 16.16
CA SER B 55 -9.49 -13.59 14.73
C SER B 55 -8.07 -14.07 14.39
N LEU B 56 -7.07 -13.49 15.04
CA LEU B 56 -5.68 -13.85 14.79
C LEU B 56 -5.36 -15.29 15.18
N ASN B 57 -5.99 -15.79 16.25
CA ASN B 57 -5.77 -17.17 16.70
C ASN B 57 -6.70 -18.20 16.06
N SER B 58 -7.66 -17.74 15.26
CA SER B 58 -8.62 -18.64 14.60
C SER B 58 -7.93 -19.70 13.75
N GLN B 59 -8.47 -20.91 13.82
CA GLN B 59 -7.97 -22.03 13.04
C GLN B 59 -8.64 -22.03 11.66
N GLN B 60 -9.70 -21.24 11.49
CA GLN B 60 -10.43 -21.19 10.22
C GLN B 60 -9.57 -20.59 9.10
N PRO B 61 -9.63 -21.19 7.89
CA PRO B 61 -8.80 -20.74 6.75
C PRO B 61 -9.12 -19.29 6.34
N PRO B 62 -8.08 -18.47 6.08
CA PRO B 62 -8.27 -17.05 5.72
C PRO B 62 -9.28 -16.83 4.59
N GLN B 63 -10.01 -15.72 4.65
CA GLN B 63 -11.05 -15.48 3.66
C GLN B 63 -10.54 -14.65 2.48
N ILE B 64 -10.60 -15.20 1.28
CA ILE B 64 -10.27 -14.48 0.06
C ILE B 64 -11.52 -13.76 -0.41
N ASP B 65 -11.35 -12.62 -1.07
CA ASP B 65 -12.47 -11.89 -1.66
C ASP B 65 -13.25 -12.84 -2.56
N LYS B 66 -14.56 -12.93 -2.35
CA LYS B 66 -15.40 -13.77 -3.17
C LYS B 66 -15.29 -13.48 -4.67
N ASN B 67 -14.91 -12.27 -5.04
CA ASN B 67 -14.75 -11.93 -6.45
C ASN B 67 -13.61 -12.69 -7.13
N TYR B 68 -12.66 -13.17 -6.34
CA TYR B 68 -11.48 -13.87 -6.86
C TYR B 68 -11.25 -15.24 -6.19
N GLU B 69 -12.33 -15.91 -5.78
CA GLU B 69 -12.25 -17.24 -5.16
C GLU B 69 -11.47 -18.28 -5.97
N GLN B 70 -11.76 -18.36 -7.28
CA GLN B 70 -11.12 -19.32 -8.18
C GLN B 70 -9.59 -19.22 -8.14
N GLY B 72 -7.82 -18.10 -5.44
CA GLY B 72 -7.34 -18.20 -4.07
C GLY B 72 -6.27 -19.23 -3.81
N PRO B 73 -6.57 -20.51 -4.08
CA PRO B 73 -5.59 -21.57 -3.83
C PRO B 73 -4.22 -21.33 -4.48
N ILE B 74 -4.20 -20.84 -5.72
CA ILE B 74 -2.92 -20.54 -6.40
C ILE B 74 -2.06 -19.66 -5.52
N GLN B 77 -1.14 -21.37 -1.95
CA GLN B 77 -0.17 -22.43 -2.20
C GLN B 77 1.20 -21.83 -2.46
N LYS B 78 1.27 -20.80 -3.30
CA LYS B 78 2.56 -20.23 -3.70
C LYS B 78 3.25 -19.44 -2.59
N GLN B 80 2.81 -20.20 0.86
CA GLN B 80 3.30 -21.17 1.83
C GLN B 80 4.54 -21.86 1.26
N GLU B 81 4.57 -22.01 -0.06
CA GLU B 81 5.70 -22.61 -0.78
C GLU B 81 6.95 -21.74 -0.64
N LYS B 83 7.26 -19.72 1.86
CA LYS B 83 7.32 -19.47 3.30
C LYS B 83 7.18 -17.98 3.53
N TYR B 84 6.26 -17.37 2.80
CA TYR B 84 6.06 -15.93 2.88
C TYR B 84 5.37 -15.61 4.22
N PRO B 85 5.90 -14.63 4.98
CA PRO B 85 5.28 -14.36 6.28
C PRO B 85 3.83 -13.94 6.17
N TRP B 87 0.55 -11.62 7.00
CA TRP B 87 0.43 -10.17 7.00
C TRP B 87 0.73 -9.51 8.36
N HIS B 88 0.25 -10.13 9.43
CA HIS B 88 0.47 -9.57 10.77
C HIS B 88 1.92 -9.68 11.25
N GLN B 89 2.62 -10.71 10.80
CA GLN B 89 4.03 -10.89 11.11
C GLN B 89 4.84 -9.81 10.40
N LEU B 90 4.44 -9.48 9.17
CA LEU B 90 5.07 -8.41 8.42
C LEU B 90 4.91 -7.08 9.16
N VAL B 91 3.71 -6.85 9.70
CA VAL B 91 3.47 -5.63 10.45
C VAL B 91 4.32 -5.58 11.73
N GLN B 92 4.33 -6.66 12.50
CA GLN B 92 5.08 -6.69 13.74
C GLN B 92 6.58 -6.56 13.48
N GLN B 93 7.10 -7.24 12.45
CA GLN B 93 8.52 -7.13 12.09
C GLN B 93 8.84 -5.69 11.69
N ALA B 94 7.93 -5.05 10.97
CA ALA B 94 8.12 -3.67 10.55
C ALA B 94 8.25 -2.78 11.76
N LYS B 95 7.47 -3.03 12.82
CA LYS B 95 7.56 -2.22 14.04
C LYS B 95 8.92 -2.30 14.66
N GLU B 96 9.51 -3.49 14.62
CA GLU B 96 10.84 -3.74 15.18
C GLU B 96 11.90 -3.02 14.35
N ILE B 97 11.74 -3.03 13.03
CA ILE B 97 12.71 -2.39 12.12
C ILE B 97 12.59 -0.88 11.95
N GLY B 98 11.36 -0.37 11.91
CA GLY B 98 11.12 1.06 11.67
C GLY B 98 10.09 1.68 12.58
N GLU B 99 9.58 2.83 12.15
CA GLU B 99 8.63 3.60 12.93
C GLU B 99 7.22 3.31 12.46
N VAL B 100 6.59 2.32 13.07
CA VAL B 100 5.26 1.89 12.66
C VAL B 100 4.33 1.96 13.86
N LYS B 101 3.20 2.64 13.71
CA LYS B 101 2.19 2.76 14.76
C LYS B 101 0.91 2.16 14.27
N VAL B 102 0.31 1.33 15.12
CA VAL B 102 -0.94 0.63 14.82
C VAL B 102 -2.03 1.19 15.71
N PHE B 103 -3.07 1.69 15.05
CA PHE B 103 -4.19 2.28 15.73
C PHE B 103 -5.44 1.49 15.44
N ALA B 104 -6.33 1.45 16.43
CA ALA B 104 -7.62 0.82 16.30
C ALA B 104 -8.67 1.94 16.32
N CYS B 105 -9.66 1.82 15.44
CA CYS B 105 -10.75 2.78 15.35
C CYS B 105 -11.77 2.60 16.48
N SER B 106 -11.95 3.65 17.28
CA SER B 106 -12.87 3.60 18.41
C SER B 106 -14.34 3.45 18.02
N THR B 107 -14.76 4.01 16.89
CA THR B 107 -16.18 3.91 16.49
C THR B 107 -16.57 2.49 16.14
N THR B 108 -15.75 1.83 15.32
CA THR B 108 -15.98 0.47 14.91
C THR B 108 -16.02 -0.43 16.15
N GLU B 110 -17.17 0.19 19.05
CA GLU B 110 -18.50 0.26 19.64
C GLU B 110 -19.48 -0.54 18.79
N PHE B 111 -19.46 -0.35 17.48
CA PHE B 111 -20.36 -1.08 16.58
C PHE B 111 -20.25 -2.60 16.72
N PHE B 112 -19.04 -3.14 16.89
CA PHE B 112 -18.89 -4.60 16.98
C PHE B 112 -18.73 -5.13 18.43
N GLY B 113 -18.88 -4.23 19.41
CA GLY B 113 -18.71 -4.58 20.82
C GLY B 113 -17.34 -5.12 21.16
N ILE B 114 -16.29 -4.56 20.56
CA ILE B 114 -14.91 -4.97 20.79
C ILE B 114 -14.29 -4.08 21.86
N LYS B 115 -13.61 -4.68 22.84
CA LYS B 115 -12.97 -3.94 23.94
C LYS B 115 -11.45 -3.96 23.71
N ARG B 116 -10.72 -3.05 24.35
CA ARG B 116 -9.26 -2.97 24.18
C ARG B 116 -8.55 -4.30 24.46
N GLU B 117 -9.01 -5.01 25.47
CA GLU B 117 -8.42 -6.28 25.85
C GLU B 117 -8.59 -7.36 24.78
N ASP B 118 -9.56 -7.19 23.88
CA ASP B 118 -9.79 -8.13 22.81
C ASP B 118 -8.81 -7.93 21.66
N LEU B 119 -8.08 -6.82 21.66
CA LEU B 119 -7.20 -6.49 20.53
C LEU B 119 -5.80 -7.04 20.68
N ALA B 120 -5.14 -7.27 19.55
CA ALA B 120 -3.76 -7.75 19.52
C ALA B 120 -2.86 -6.82 20.33
N GLU B 121 -1.83 -7.39 20.95
CA GLU B 121 -0.90 -6.64 21.78
C GLU B 121 -0.20 -5.54 21.00
N PHE B 122 -0.02 -5.74 19.70
CA PHE B 122 0.68 -4.76 18.86
C PHE B 122 -0.08 -3.48 18.55
N VAL B 123 -1.31 -3.38 19.02
CA VAL B 123 -2.08 -2.16 18.84
C VAL B 123 -1.50 -1.15 19.83
N ASP B 124 -1.13 0.01 19.29
CA ASP B 124 -0.51 1.08 20.07
C ASP B 124 -1.54 1.99 20.75
N ASP B 125 -2.67 2.25 20.10
CA ASP B 125 -3.66 3.13 20.70
C ASP B 125 -5.01 3.01 19.99
N VAL B 126 -6.06 3.41 20.67
CA VAL B 126 -7.40 3.41 20.15
C VAL B 126 -7.69 4.87 19.89
N VAL B 127 -8.06 5.23 18.67
CA VAL B 127 -8.32 6.64 18.36
C VAL B 127 -9.47 6.82 17.41
N GLY B 128 -9.90 8.08 17.30
CA GLY B 128 -10.93 8.47 16.38
C GLY B 128 -10.36 8.96 15.06
N VAL B 129 -11.28 9.20 14.14
CA VAL B 129 -11.01 9.65 12.79
C VAL B 129 -10.12 10.87 12.68
N ALA B 130 -10.49 11.91 13.39
CA ALA B 130 -9.75 13.16 13.34
C ALA B 130 -8.29 12.99 13.73
N THR B 131 -8.06 12.15 14.73
CA THR B 131 -6.71 11.87 15.18
C THR B 131 -5.92 11.22 14.04
N PHE B 132 -6.54 10.32 13.30
CA PHE B 132 -5.81 9.71 12.24
CA PHE B 132 -5.94 9.68 12.13
C PHE B 132 -5.56 10.70 11.08
N LEU B 133 -6.53 11.53 10.74
CA LEU B 133 -6.34 12.54 9.72
C LEU B 133 -5.14 13.42 10.03
N ASP B 134 -5.05 13.82 11.28
CA ASP B 134 -3.98 14.68 11.71
C ASP B 134 -2.63 13.97 11.57
N ARG B 135 -2.56 12.70 11.93
CA ARG B 135 -1.31 11.96 11.74
C ARG B 135 -1.00 11.71 10.27
N ALA B 136 -2.00 11.52 9.42
CA ALA B 136 -1.76 11.24 8.01
C ALA B 136 -1.36 12.43 7.19
N GLU B 137 -1.72 13.60 7.69
CA GLU B 137 -1.49 14.86 7.01
C GLU B 137 -0.07 15.01 6.46
N GLY B 138 0.03 15.34 5.18
CA GLY B 138 1.34 15.55 4.61
C GLY B 138 2.03 14.34 4.00
N GLY B 139 1.52 13.14 4.21
CA GLY B 139 2.17 11.96 3.63
C GLY B 139 1.25 11.29 2.65
N THR B 140 1.64 10.13 2.17
CA THR B 140 0.84 9.34 1.28
C THR B 140 -0.21 8.62 2.12
N THR B 141 -1.46 8.66 1.67
CA THR B 141 -2.55 8.01 2.42
C THR B 141 -3.42 7.17 1.52
N LEU B 142 -3.68 5.95 2.00
CA LEU B 142 -4.45 4.95 1.27
C LEU B 142 -5.59 4.38 2.10
N PHE B 143 -6.68 4.05 1.43
CA PHE B 143 -7.81 3.37 2.03
C PHE B 143 -7.86 2.00 1.35
N ILE B 144 -7.64 0.95 2.13
CA ILE B 144 -7.64 -0.43 1.64
C ILE B 144 -8.77 -1.30 2.22
N LYS C 7 -4.69 25.11 5.88
CA LYS C 7 -6.01 24.71 5.29
C LYS C 7 -6.06 23.18 5.12
N LYS C 8 -6.51 22.43 6.15
CA LYS C 8 -6.57 20.99 6.10
C LYS C 8 -7.73 20.56 5.23
N LYS C 9 -7.50 19.54 4.41
CA LYS C 9 -8.50 19.13 3.42
C LYS C 9 -8.51 17.62 3.24
N LEU C 10 -9.71 17.08 3.10
CA LEU C 10 -9.95 15.67 2.85
C LEU C 10 -10.87 15.56 1.65
N SER C 11 -10.47 14.78 0.65
CA SER C 11 -11.30 14.55 -0.52
C SER C 11 -11.47 13.05 -0.66
N ILE C 12 -12.69 12.61 -0.96
CA ILE C 12 -12.99 11.17 -1.08
C ILE C 12 -13.74 10.89 -2.36
N ILE C 13 -13.25 9.92 -3.15
CA ILE C 13 -13.94 9.43 -4.35
C ILE C 13 -14.75 8.26 -3.81
N VAL C 14 -16.06 8.46 -3.77
CA VAL C 14 -17.03 7.49 -3.23
C VAL C 14 -17.52 6.61 -4.36
N PHE C 15 -16.80 5.53 -4.60
CA PHE C 15 -17.10 4.63 -5.71
C PHE C 15 -18.08 3.53 -5.30
N SER C 16 -17.90 3.04 -4.09
CA SER C 16 -18.69 1.94 -3.55
C SER C 16 -20.07 2.37 -3.12
N GLY C 17 -21.00 1.41 -3.14
CA GLY C 17 -22.41 1.64 -2.82
C GLY C 17 -22.99 0.76 -1.74
N THR C 18 -22.17 -0.06 -1.08
CA THR C 18 -22.63 -0.92 0.00
C THR C 18 -22.62 -0.12 1.29
N ILE C 19 -23.47 -0.50 2.21
CA ILE C 19 -23.63 0.24 3.45
C ILE C 19 -22.36 0.26 4.30
N ASP C 20 -21.63 -0.85 4.30
CA ASP C 20 -20.42 -0.95 5.09
C ASP C 20 -19.35 0.00 4.58
N LYS C 21 -19.43 0.42 3.32
CA LYS C 21 -18.47 1.41 2.81
C LYS C 21 -19.00 2.83 2.89
N LEU C 22 -20.31 3.00 2.81
CA LEU C 22 -20.88 4.33 2.92
C LEU C 22 -20.79 4.84 4.34
N PRO C 24 -18.25 4.50 6.65
CA PRO C 24 -16.97 5.19 6.76
C PRO C 24 -16.97 6.58 6.09
N VAL C 25 -17.59 6.69 4.93
CA VAL C 25 -17.66 7.98 4.25
C VAL C 25 -18.36 9.00 5.17
N GLY C 26 -19.47 8.62 5.76
CA GLY C 26 -20.17 9.50 6.66
C GLY C 26 -19.36 9.85 7.91
N ILE C 27 -18.71 8.83 8.47
CA ILE C 27 -17.91 9.02 9.68
C ILE C 27 -16.69 9.88 9.42
N LEU C 28 -16.01 9.64 8.31
CA LEU C 28 -14.86 10.46 7.96
C LEU C 28 -15.28 11.89 7.71
N THR C 29 -16.37 12.06 6.96
CA THR C 29 -16.85 13.40 6.63
C THR C 29 -17.20 14.20 7.86
N SER C 30 -17.97 13.57 8.73
CA SER C 30 -18.45 14.16 9.97
C SER C 30 -17.31 14.53 10.89
N GLY C 31 -16.39 13.60 11.11
CA GLY C 31 -15.22 13.87 11.96
C GLY C 31 -14.29 14.93 11.37
N ALA C 32 -14.03 14.85 10.07
CA ALA C 32 -13.18 15.81 9.43
C ALA C 32 -13.81 17.21 9.53
N ALA C 33 -15.08 17.33 9.17
CA ALA C 33 -15.78 18.63 9.23
C ALA C 33 -15.74 19.19 10.63
N ALA C 34 -15.97 18.34 11.63
CA ALA C 34 -15.96 18.79 13.02
C ALA C 34 -14.56 19.26 13.43
N SER C 35 -13.51 18.70 12.83
CA SER C 35 -12.14 19.11 13.13
C SER C 35 -11.65 20.28 12.31
N GLY C 36 -12.52 20.90 11.52
CA GLY C 36 -12.12 22.06 10.75
C GLY C 36 -11.53 21.77 9.38
N TYR C 37 -11.69 20.55 8.88
CA TYR C 37 -11.25 20.20 7.53
C TYR C 37 -12.27 20.64 6.49
N GLU C 38 -11.78 21.03 5.32
CA GLU C 38 -12.62 21.24 4.16
C GLU C 38 -12.76 19.80 3.62
N VAL C 39 -13.96 19.37 3.29
CA VAL C 39 -14.17 18.01 2.77
C VAL C 39 -14.85 18.10 1.42
N ASN C 40 -14.34 17.32 0.47
CA ASN C 40 -14.88 17.22 -0.87
C ASN C 40 -15.22 15.74 -1.12
N LEU C 41 -16.45 15.48 -1.52
CA LEU C 41 -16.90 14.12 -1.85
C LEU C 41 -17.27 14.07 -3.31
N PHE C 42 -16.81 13.03 -3.99
CA PHE C 42 -17.09 12.85 -5.42
C PHE C 42 -17.77 11.50 -5.57
N PHE C 43 -19.09 11.52 -5.78
CA PHE C 43 -19.81 10.23 -5.92
C PHE C 43 -19.80 9.74 -7.36
N THR C 44 -19.28 8.53 -7.53
CA THR C 44 -19.11 7.96 -8.84
C THR C 44 -19.58 6.49 -8.84
N PHE C 45 -19.89 5.97 -10.02
CA PHE C 45 -20.37 4.61 -10.15
C PHE C 45 -21.45 4.23 -9.11
N TRP C 46 -21.17 3.25 -8.27
CA TRP C 46 -22.17 2.76 -7.35
C TRP C 46 -22.49 3.78 -6.25
N GLY C 47 -21.52 4.62 -5.92
CA GLY C 47 -21.76 5.67 -4.92
C GLY C 47 -22.73 6.71 -5.46
N LEU C 48 -22.65 6.96 -6.77
CA LEU C 48 -23.56 7.92 -7.38
C LEU C 48 -24.99 7.38 -7.31
N GLN C 49 -25.15 6.09 -7.56
CA GLN C 49 -26.44 5.42 -7.49
C GLN C 49 -27.01 5.63 -6.08
N ALA C 50 -26.14 5.54 -5.08
CA ALA C 50 -26.51 5.66 -3.69
C ALA C 50 -27.03 7.04 -3.29
N ILE C 51 -26.70 8.08 -4.06
CA ILE C 51 -27.20 9.43 -3.78
C ILE C 51 -28.35 9.85 -4.71
N THR C 52 -28.96 8.90 -5.42
CA THR C 52 -30.14 9.23 -6.19
C THR C 52 -31.31 9.23 -5.21
N LYS C 53 -32.28 10.09 -5.45
CA LYS C 53 -33.47 10.16 -4.62
C LYS C 53 -34.12 8.79 -4.51
N ARG C 54 -34.16 8.06 -5.62
CA ARG C 54 -34.76 6.73 -5.63
C ARG C 54 -34.09 5.80 -4.63
N SER C 55 -32.76 5.78 -4.65
CA SER C 55 -32.00 4.89 -3.75
C SER C 55 -32.15 5.32 -2.29
N LEU C 56 -32.10 6.63 -2.04
CA LEU C 56 -32.22 7.15 -0.69
C LEU C 56 -33.61 6.92 -0.06
N ASN C 57 -34.66 6.96 -0.87
CA ASN C 57 -36.03 6.73 -0.40
C ASN C 57 -36.43 5.25 -0.40
N SER C 58 -35.60 4.38 -0.96
CA SER C 58 -35.92 2.97 -1.05
C SER C 58 -36.21 2.35 0.30
N GLN C 59 -37.22 1.48 0.32
CA GLN C 59 -37.62 0.76 1.53
C GLN C 59 -36.79 -0.51 1.67
N GLN C 60 -36.08 -0.90 0.60
CA GLN C 60 -35.27 -2.11 0.59
C GLN C 60 -34.09 -2.02 1.58
N PRO C 61 -33.82 -3.11 2.33
CA PRO C 61 -32.75 -3.11 3.34
C PRO C 61 -31.38 -2.86 2.74
N PRO C 62 -30.57 -1.96 3.35
CA PRO C 62 -29.23 -1.63 2.80
C PRO C 62 -28.39 -2.87 2.48
N GLN C 63 -27.54 -2.75 1.47
CA GLN C 63 -26.76 -3.90 1.02
C GLN C 63 -25.38 -3.92 1.66
N ILE C 64 -25.05 -4.99 2.38
CA ILE C 64 -23.72 -5.20 2.93
C ILE C 64 -22.90 -5.93 1.89
N ASP C 65 -21.59 -5.69 1.92
CA ASP C 65 -20.63 -6.37 1.04
C ASP C 65 -20.82 -7.89 1.23
N LYS C 66 -21.05 -8.61 0.13
CA LYS C 66 -21.21 -10.08 0.17
C LYS C 66 -20.04 -10.77 0.86
N ASN C 67 -18.85 -10.15 0.88
CA ASN C 67 -17.69 -10.75 1.58
C ASN C 67 -17.89 -10.84 3.10
N TYR C 68 -18.77 -10.00 3.65
CA TYR C 68 -18.99 -9.99 5.10
C TYR C 68 -20.49 -10.09 5.46
N GLU C 69 -21.27 -10.82 4.66
CA GLU C 69 -22.70 -11.02 4.93
C GLU C 69 -22.99 -11.52 6.35
N GLN C 70 -22.26 -12.56 6.76
CA GLN C 70 -22.42 -13.19 8.08
C GLN C 70 -22.34 -12.20 9.25
N GLY C 72 -23.12 -8.87 8.91
CA GLY C 72 -24.05 -7.76 8.65
C GLY C 72 -25.03 -7.45 9.76
N PRO C 73 -25.83 -8.45 10.20
CA PRO C 73 -26.83 -8.20 11.25
C PRO C 73 -26.23 -7.63 12.55
N ILE C 74 -25.10 -8.17 12.99
CA ILE C 74 -24.41 -7.68 14.20
C ILE C 74 -24.24 -6.16 14.12
N GLN C 77 -27.80 -4.15 13.78
CA GLN C 77 -28.47 -4.23 15.07
C GLN C 77 -27.81 -3.31 16.09
N LYS C 78 -26.46 -3.29 16.13
CA LYS C 78 -25.74 -2.48 17.11
C LYS C 78 -25.81 -0.98 16.81
N GLN C 80 -28.55 0.57 15.08
CA GLN C 80 -29.90 1.02 15.39
C GLN C 80 -30.08 1.08 16.92
N GLU C 81 -29.37 0.21 17.64
CA GLU C 81 -29.43 0.18 19.10
C GLU C 81 -28.79 1.44 19.70
N LYS C 83 -28.74 4.14 17.98
CA LYS C 83 -29.42 5.21 17.23
C LYS C 83 -28.38 6.00 16.42
N TYR C 84 -27.45 5.27 15.83
CA TYR C 84 -26.37 5.89 15.06
C TYR C 84 -26.99 6.47 13.79
N PRO C 85 -26.68 7.75 13.45
CA PRO C 85 -27.28 8.31 12.24
C PRO C 85 -26.89 7.57 10.97
N TRP C 87 -25.55 7.20 7.10
CA TRP C 87 -24.39 7.84 6.46
C TRP C 87 -24.71 9.18 5.80
N HIS C 88 -25.84 9.25 5.10
CA HIS C 88 -26.23 10.49 4.41
C HIS C 88 -26.60 11.61 5.38
N GLN C 89 -27.13 11.27 6.54
CA GLN C 89 -27.47 12.26 7.57
C GLN C 89 -26.18 12.83 8.15
N LEU C 90 -25.17 11.97 8.32
CA LEU C 90 -23.87 12.42 8.80
C LEU C 90 -23.26 13.42 7.82
N VAL C 91 -23.42 13.16 6.51
CA VAL C 91 -22.89 14.05 5.49
C VAL C 91 -23.62 15.40 5.49
N GLN C 92 -24.97 15.37 5.55
CA GLN C 92 -25.74 16.61 5.56
C GLN C 92 -25.48 17.42 6.82
N GLN C 93 -25.39 16.76 7.97
CA GLN C 93 -25.08 17.46 9.22
C GLN C 93 -23.67 18.09 9.14
N ALA C 94 -22.74 17.39 8.49
CA ALA C 94 -21.40 17.92 8.30
C ALA C 94 -21.43 19.19 7.45
N LYS C 95 -22.27 19.22 6.41
CA LYS C 95 -22.39 20.43 5.57
C LYS C 95 -22.85 21.63 6.38
N GLU C 96 -23.72 21.39 7.34
CA GLU C 96 -24.24 22.46 8.17
C GLU C 96 -23.17 22.95 9.14
N ILE C 97 -22.38 22.02 9.66
CA ILE C 97 -21.32 22.31 10.63
C ILE C 97 -20.06 22.91 10.01
N GLY C 98 -19.63 22.37 8.89
CA GLY C 98 -18.38 22.81 8.26
C GLY C 98 -18.45 23.06 6.77
N GLU C 99 -17.28 22.97 6.12
CA GLU C 99 -17.16 23.21 4.68
C GLU C 99 -17.07 21.87 3.95
N VAL C 100 -18.23 21.36 3.55
CA VAL C 100 -18.34 20.07 2.88
C VAL C 100 -19.05 20.28 1.56
N LYS C 101 -18.44 19.81 0.48
CA LYS C 101 -19.03 19.92 -0.85
C LYS C 101 -19.19 18.53 -1.45
N VAL C 102 -20.36 18.31 -2.01
CA VAL C 102 -20.74 17.04 -2.58
C VAL C 102 -20.87 17.19 -4.08
N PHE C 103 -20.08 16.41 -4.79
CA PHE C 103 -20.06 16.40 -6.24
C PHE C 103 -20.52 15.06 -6.82
N ALA C 104 -21.21 15.14 -7.95
CA ALA C 104 -21.67 13.95 -8.68
C ALA C 104 -20.82 13.81 -9.94
N CYS C 105 -20.43 12.59 -10.24
CA CYS C 105 -19.65 12.27 -11.44
C CYS C 105 -20.47 12.34 -12.72
N SER C 106 -20.12 13.26 -13.61
CA SER C 106 -20.86 13.40 -14.87
C SER C 106 -20.76 12.18 -15.77
N THR C 107 -19.62 11.49 -15.79
CA THR C 107 -19.47 10.32 -16.65
C THR C 107 -20.37 9.19 -16.26
N THR C 108 -20.38 8.85 -14.98
CA THR C 108 -21.22 7.75 -14.50
C THR C 108 -22.69 8.12 -14.70
N GLU C 110 -24.00 9.60 -17.25
CA GLU C 110 -24.30 9.15 -18.62
C GLU C 110 -24.45 7.62 -18.65
N PHE C 111 -23.51 6.89 -18.06
CA PHE C 111 -23.55 5.42 -18.05
C PHE C 111 -24.83 4.85 -17.47
N PHE C 112 -25.33 5.46 -16.39
CA PHE C 112 -26.52 4.93 -15.74
C PHE C 112 -27.80 5.69 -16.08
N GLY C 113 -27.70 6.63 -17.00
CA GLY C 113 -28.84 7.45 -17.43
C GLY C 113 -29.47 8.23 -16.29
N ILE C 114 -28.66 8.75 -15.37
CA ILE C 114 -29.15 9.56 -14.25
C ILE C 114 -29.10 11.01 -14.68
N LYS C 115 -30.14 11.76 -14.33
CA LYS C 115 -30.25 13.19 -14.65
C LYS C 115 -30.11 13.96 -13.33
N ARG C 116 -29.73 15.23 -13.39
CA ARG C 116 -29.55 16.07 -12.19
CA ARG C 116 -29.54 16.06 -12.18
C ARG C 116 -30.75 16.04 -11.26
N GLU C 117 -31.93 16.03 -11.84
CA GLU C 117 -33.16 16.03 -11.05
C GLU C 117 -33.33 14.76 -10.22
N ASP C 118 -32.66 13.68 -10.63
CA ASP C 118 -32.74 12.40 -9.91
C ASP C 118 -31.81 12.38 -8.69
N LEU C 119 -30.93 13.38 -8.56
CA LEU C 119 -29.98 13.39 -7.46
C LEU C 119 -30.49 14.07 -6.21
N ALA C 120 -29.97 13.65 -5.05
CA ALA C 120 -30.30 14.25 -3.75
C ALA C 120 -30.03 15.75 -3.79
N GLU C 121 -30.83 16.51 -3.06
CA GLU C 121 -30.77 17.98 -3.08
C GLU C 121 -29.41 18.47 -2.54
N PHE C 122 -28.76 17.65 -1.72
CA PHE C 122 -27.48 18.03 -1.11
C PHE C 122 -26.28 17.96 -2.06
N VAL C 123 -26.50 17.55 -3.31
CA VAL C 123 -25.45 17.56 -4.31
C VAL C 123 -25.20 19.01 -4.68
N ASP C 124 -23.95 19.44 -4.61
CA ASP C 124 -23.61 20.82 -4.93
C ASP C 124 -23.33 21.03 -6.42
N ASP C 125 -22.74 20.06 -7.11
CA ASP C 125 -22.48 20.24 -8.54
C ASP C 125 -22.15 18.93 -9.16
N VAL C 126 -22.26 18.90 -10.49
CA VAL C 126 -21.97 17.73 -11.30
C VAL C 126 -20.71 18.11 -12.04
N VAL C 127 -19.66 17.31 -11.90
CA VAL C 127 -18.40 17.66 -12.54
C VAL C 127 -17.69 16.42 -13.02
N GLY C 128 -16.63 16.65 -13.80
CA GLY C 128 -15.78 15.61 -14.33
C GLY C 128 -14.61 15.35 -13.39
N VAL C 129 -13.87 14.30 -13.72
CA VAL C 129 -12.81 13.82 -12.86
C VAL C 129 -11.63 14.76 -12.67
N ALA C 130 -11.16 15.45 -13.71
CA ALA C 130 -10.08 16.40 -13.57
C ALA C 130 -10.48 17.55 -12.61
N THR C 131 -11.74 18.00 -12.66
CA THR C 131 -12.22 19.07 -11.80
C THR C 131 -12.15 18.68 -10.34
N PHE C 132 -12.47 17.44 -10.07
CA PHE C 132 -12.40 17.00 -8.73
C PHE C 132 -10.91 16.81 -8.29
N LEU C 133 -10.03 16.23 -9.15
CA LEU C 133 -8.62 16.05 -8.82
C LEU C 133 -8.02 17.40 -8.47
N ASP C 134 -8.39 18.45 -9.18
CA ASP C 134 -7.87 19.79 -8.93
C ASP C 134 -8.30 20.24 -7.56
N ARG C 135 -9.52 19.96 -7.16
CA ARG C 135 -9.94 20.34 -5.79
C ARG C 135 -9.21 19.53 -4.71
N ALA C 136 -8.92 18.27 -4.99
CA ALA C 136 -8.27 17.37 -4.02
C ALA C 136 -6.80 17.65 -3.80
N GLU C 137 -6.18 18.31 -4.77
CA GLU C 137 -4.75 18.56 -4.76
C GLU C 137 -4.29 19.20 -3.47
N GLY C 138 -3.24 18.64 -2.88
CA GLY C 138 -2.71 19.22 -1.68
C GLY C 138 -3.28 18.71 -0.39
N GLY C 139 -4.35 17.94 -0.42
CA GLY C 139 -4.92 17.39 0.80
C GLY C 139 -4.83 15.88 0.78
N THR C 140 -5.45 15.26 1.77
CA THR C 140 -5.55 13.83 1.88
C THR C 140 -6.67 13.38 0.96
N THR C 141 -6.40 12.36 0.15
CA THR C 141 -7.38 11.91 -0.83
C THR C 141 -7.49 10.40 -0.77
N LEU C 142 -8.73 9.94 -0.71
CA LEU C 142 -9.06 8.50 -0.59
C LEU C 142 -10.05 8.04 -1.66
N PHE C 143 -9.94 6.77 -2.05
CA PHE C 143 -10.84 6.11 -2.94
C PHE C 143 -11.50 5.01 -2.11
N ILE C 144 -12.81 5.14 -1.92
CA ILE C 144 -13.59 4.17 -1.14
C ILE C 144 -14.67 3.49 -2.00
N LYS D 7 20.06 13.76 12.76
CA LYS D 7 20.90 12.56 13.13
C LYS D 7 21.73 12.04 11.95
N LYS D 8 23.03 11.91 12.19
CA LYS D 8 24.01 11.45 11.23
C LYS D 8 23.77 10.01 10.77
N LYS D 9 24.05 9.77 9.50
CA LYS D 9 23.78 8.50 8.87
C LYS D 9 24.88 8.05 7.91
N LEU D 10 25.19 6.76 7.98
CA LEU D 10 26.12 6.13 7.11
C LEU D 10 25.46 4.90 6.52
N SER D 11 25.45 4.82 5.19
CA SER D 11 24.91 3.64 4.47
C SER D 11 25.98 3.07 3.58
N ILE D 12 26.12 1.76 3.58
CA ILE D 12 27.15 1.12 2.77
C ILE D 12 26.54 -0.02 2.01
N ILE D 13 26.83 -0.06 0.72
CA ILE D 13 26.49 -1.20 -0.16
C ILE D 13 27.72 -2.06 -0.05
N VAL D 14 27.56 -3.22 0.56
CA VAL D 14 28.66 -4.17 0.77
C VAL D 14 28.57 -5.14 -0.36
N PHE D 15 29.28 -4.80 -1.43
CA PHE D 15 29.34 -5.61 -2.64
C PHE D 15 30.43 -6.66 -2.60
N SER D 16 31.58 -6.28 -2.05
CA SER D 16 32.75 -7.14 -2.02
C SER D 16 32.66 -8.21 -0.94
N GLY D 17 33.39 -9.31 -1.13
CA GLY D 17 33.36 -10.42 -0.20
C GLY D 17 34.72 -10.92 0.31
N THR D 18 35.76 -10.17 0.00
CA THR D 18 37.11 -10.45 0.37
C THR D 18 37.33 -9.90 1.79
N ILE D 19 38.20 -10.53 2.56
CA ILE D 19 38.37 -10.11 3.95
C ILE D 19 38.91 -8.68 4.11
N ASP D 20 39.78 -8.26 3.19
CA ASP D 20 40.37 -6.93 3.24
C ASP D 20 39.30 -5.88 3.00
N LYS D 21 38.21 -6.23 2.34
CA LYS D 21 37.11 -5.29 2.16
C LYS D 21 36.07 -5.39 3.24
N LEU D 22 35.89 -6.59 3.80
CA LEU D 22 34.92 -6.72 4.85
C LEU D 22 35.40 -6.06 6.13
N PRO D 24 37.13 -3.11 6.72
CA PRO D 24 36.68 -1.73 6.69
C PRO D 24 35.17 -1.58 6.95
N VAL D 25 34.36 -2.48 6.39
CA VAL D 25 32.94 -2.47 6.65
C VAL D 25 32.67 -2.59 8.16
N GLY D 26 33.34 -3.53 8.83
CA GLY D 26 33.18 -3.68 10.25
C GLY D 26 33.71 -2.48 11.02
N ILE D 27 34.86 -1.99 10.62
CA ILE D 27 35.49 -0.89 11.32
C ILE D 27 34.67 0.38 11.16
N LEU D 28 34.20 0.64 9.97
CA LEU D 28 33.34 1.84 9.74
C LEU D 28 32.06 1.72 10.54
N THR D 29 31.45 0.54 10.49
CA THR D 29 30.17 0.34 11.18
C THR D 29 30.30 0.54 12.69
N SER D 30 31.30 -0.08 13.25
CA SER D 30 31.57 -0.04 14.65
C SER D 30 31.84 1.37 15.13
N GLY D 31 32.71 2.08 14.41
CA GLY D 31 33.03 3.45 14.74
C GLY D 31 31.81 4.37 14.58
N ALA D 32 31.10 4.23 13.48
CA ALA D 32 29.93 5.11 13.25
C ALA D 32 28.89 4.84 14.29
N ALA D 33 28.65 3.58 14.61
CA ALA D 33 27.68 3.27 15.66
C ALA D 33 28.06 3.87 16.98
N ALA D 34 29.33 3.76 17.37
CA ALA D 34 29.79 4.33 18.66
C ALA D 34 29.64 5.84 18.67
N SER D 35 29.81 6.49 17.52
CA SER D 35 29.67 7.93 17.38
C SER D 35 28.20 8.41 17.37
N GLY D 36 27.27 7.49 17.44
CA GLY D 36 25.85 7.86 17.44
C GLY D 36 25.19 7.92 16.05
N TYR D 37 25.84 7.42 15.00
CA TYR D 37 25.23 7.38 13.68
C TYR D 37 24.17 6.30 13.56
N GLU D 38 23.21 6.51 12.65
CA GLU D 38 22.36 5.45 12.17
C GLU D 38 23.21 4.75 11.09
N VAL D 39 23.39 3.43 11.14
CA VAL D 39 24.15 2.75 10.10
C VAL D 39 23.28 1.76 9.34
N ASN D 40 23.35 1.79 8.02
CA ASN D 40 22.58 0.88 7.20
C ASN D 40 23.52 0.13 6.31
N LEU D 41 23.50 -1.19 6.37
CA LEU D 41 24.34 -2.02 5.52
C LEU D 41 23.45 -2.82 4.56
N PHE D 42 23.85 -2.83 3.29
CA PHE D 42 23.13 -3.56 2.24
CA PHE D 42 23.14 -3.53 2.23
C PHE D 42 24.11 -4.51 1.62
N PHE D 43 23.95 -5.79 1.94
CA PHE D 43 24.81 -6.84 1.42
C PHE D 43 24.26 -7.36 0.09
N THR D 44 25.08 -7.28 -0.94
CA THR D 44 24.70 -7.64 -2.28
C THR D 44 25.85 -8.39 -2.94
N PHE D 45 25.56 -9.15 -3.99
CA PHE D 45 26.59 -9.94 -4.68
C PHE D 45 27.53 -10.68 -3.75
N TRP D 46 28.83 -10.39 -3.80
CA TRP D 46 29.79 -11.19 -3.02
C TRP D 46 29.62 -10.92 -1.52
N GLY D 47 29.18 -9.73 -1.16
CA GLY D 47 28.94 -9.40 0.21
C GLY D 47 27.81 -10.24 0.80
N LEU D 48 26.81 -10.53 0.00
CA LEU D 48 25.68 -11.32 0.48
C LEU D 48 26.13 -12.76 0.75
N GLN D 49 26.97 -13.28 -0.13
CA GLN D 49 27.53 -14.60 0.03
C GLN D 49 28.26 -14.67 1.38
N ALA D 50 28.92 -13.58 1.73
CA ALA D 50 29.70 -13.52 2.97
C ALA D 50 28.85 -13.55 4.24
N ILE D 51 27.56 -13.25 4.14
CA ILE D 51 26.69 -13.29 5.32
C ILE D 51 25.77 -14.50 5.34
N THR D 52 26.05 -15.49 4.49
CA THR D 52 25.31 -16.72 4.55
C THR D 52 25.92 -17.51 5.71
N LYS D 53 25.07 -18.28 6.40
CA LYS D 53 25.51 -19.13 7.50
C LYS D 53 26.63 -20.06 7.06
N ARG D 54 26.53 -20.58 5.84
CA ARG D 54 27.56 -21.46 5.28
C ARG D 54 28.91 -20.78 5.21
N SER D 55 28.94 -19.57 4.68
CA SER D 55 30.20 -18.85 4.56
C SER D 55 30.76 -18.45 5.93
N LEU D 56 29.89 -18.00 6.82
CA LEU D 56 30.32 -17.59 8.17
C LEU D 56 30.88 -18.76 8.99
N ASN D 57 30.32 -19.94 8.82
CA ASN D 57 30.79 -21.13 9.53
C ASN D 57 31.94 -21.85 8.86
N SER D 58 32.29 -21.45 7.64
CA SER D 58 33.34 -22.12 6.89
C SER D 58 34.64 -22.14 7.64
N GLN D 59 35.33 -23.28 7.54
CA GLN D 59 36.63 -23.50 8.16
C GLN D 59 37.74 -23.01 7.22
N GLN D 60 37.38 -22.71 5.96
CA GLN D 60 38.34 -22.26 4.95
C GLN D 60 38.89 -20.87 5.27
N PRO D 61 40.22 -20.67 5.09
CA PRO D 61 40.86 -19.39 5.43
C PRO D 61 40.30 -18.23 4.61
N PRO D 62 40.00 -17.10 5.27
CA PRO D 62 39.40 -15.93 4.56
C PRO D 62 40.18 -15.56 3.29
N GLN D 63 39.48 -15.06 2.27
CA GLN D 63 40.14 -14.77 1.00
C GLN D 63 40.53 -13.30 0.94
N ILE D 64 41.82 -13.03 0.72
CA ILE D 64 42.32 -11.66 0.50
C ILE D 64 42.25 -11.40 -1.01
N ASP D 65 42.07 -10.13 -1.37
CA ASP D 65 42.05 -9.71 -2.75
C ASP D 65 43.34 -10.19 -3.41
N LYS D 66 43.23 -10.88 -4.53
CA LYS D 66 44.40 -11.38 -5.25
C LYS D 66 45.43 -10.31 -5.60
N ASN D 67 45.00 -9.05 -5.71
CA ASN D 67 45.93 -7.96 -6.02
C ASN D 67 46.93 -7.69 -4.92
N TYR D 68 46.61 -8.13 -3.69
CA TYR D 68 47.44 -7.88 -2.52
C TYR D 68 47.74 -9.17 -1.72
N GLU D 69 47.81 -10.30 -2.40
CA GLU D 69 48.13 -11.59 -1.78
C GLU D 69 49.40 -11.58 -0.94
N GLN D 70 50.50 -11.05 -1.50
CA GLN D 70 51.81 -11.01 -0.82
C GLN D 70 51.73 -10.31 0.56
N GLY D 72 48.93 -10.27 2.49
CA GLY D 72 47.88 -10.92 3.28
C GLY D 72 48.28 -11.41 4.66
N PRO D 73 49.28 -12.31 4.72
CA PRO D 73 49.75 -12.86 6.00
C PRO D 73 50.12 -11.80 7.04
N ILE D 74 50.86 -10.76 6.63
CA ILE D 74 51.23 -9.68 7.55
C ILE D 74 50.00 -9.17 8.29
N GLN D 77 48.17 -12.02 10.51
CA GLN D 77 48.99 -12.31 11.68
C GLN D 77 48.87 -11.17 12.69
N LYS D 78 48.95 -9.93 12.23
CA LYS D 78 48.95 -8.80 13.16
C LYS D 78 47.60 -8.62 13.83
N GLN D 80 45.30 -11.21 14.46
CA GLN D 80 45.11 -12.26 15.48
C GLN D 80 46.00 -11.98 16.68
N GLU D 81 47.15 -11.35 16.44
CA GLU D 81 48.07 -10.94 17.50
C GLU D 81 47.45 -9.89 18.41
N LYS D 83 44.30 -9.64 18.67
CA LYS D 83 43.00 -10.23 19.00
C LYS D 83 41.89 -9.31 18.47
N TYR D 84 42.09 -8.82 17.26
CA TYR D 84 41.14 -7.88 16.66
C TYR D 84 39.89 -8.65 16.25
N PRO D 85 38.71 -8.17 16.66
CA PRO D 85 37.48 -8.91 16.34
C PRO D 85 37.25 -9.10 14.83
N TRP D 87 35.21 -9.13 11.28
CA TRP D 87 34.31 -8.12 10.72
C TRP D 87 32.88 -8.27 11.18
N HIS D 88 32.36 -9.49 11.19
CA HIS D 88 30.96 -9.74 11.56
C HIS D 88 30.67 -9.55 13.05
N GLN D 89 31.67 -9.79 13.89
CA GLN D 89 31.53 -9.52 15.31
C GLN D 89 31.46 -8.01 15.54
N LEU D 90 32.23 -7.27 14.77
CA LEU D 90 32.20 -5.82 14.85
C LEU D 90 30.81 -5.30 14.45
N VAL D 91 30.19 -5.93 13.44
CA VAL D 91 28.85 -5.51 13.01
C VAL D 91 27.80 -5.85 14.06
N GLN D 92 27.86 -7.06 14.61
CA GLN D 92 26.93 -7.51 15.63
C GLN D 92 27.08 -6.69 16.92
N GLN D 93 28.30 -6.42 17.36
CA GLN D 93 28.51 -5.58 18.56
C GLN D 93 28.01 -4.16 18.28
N ALA D 94 28.17 -3.67 17.05
CA ALA D 94 27.66 -2.33 16.70
C ALA D 94 26.15 -2.29 16.86
N LYS D 95 25.45 -3.35 16.47
CA LYS D 95 23.98 -3.42 16.62
C LYS D 95 23.56 -3.29 18.05
N GLU D 96 24.33 -3.89 18.95
CA GLU D 96 24.04 -3.87 20.38
C GLU D 96 24.28 -2.46 20.92
N ILE D 97 25.30 -1.79 20.41
CA ILE D 97 25.67 -0.47 20.90
C ILE D 97 24.86 0.68 20.30
N GLY D 98 24.56 0.63 19.00
CA GLY D 98 23.87 1.71 18.32
C GLY D 98 22.77 1.25 17.37
N GLU D 99 22.41 2.13 16.45
CA GLU D 99 21.33 1.88 15.51
C GLU D 99 21.90 1.37 14.19
N VAL D 100 22.03 0.06 14.09
CA VAL D 100 22.59 -0.55 12.91
C VAL D 100 21.57 -1.51 12.31
N LYS D 101 21.26 -1.37 11.04
CA LYS D 101 20.35 -2.26 10.34
C LYS D 101 21.10 -2.96 9.21
N VAL D 102 20.91 -4.27 9.10
CA VAL D 102 21.56 -5.12 8.10
C VAL D 102 20.51 -5.68 7.15
N PHE D 103 20.68 -5.33 5.88
CA PHE D 103 19.79 -5.71 4.83
C PHE D 103 20.50 -6.61 3.82
N ALA D 104 19.75 -7.55 3.27
CA ALA D 104 20.23 -8.46 2.24
C ALA D 104 19.49 -8.11 0.95
N CYS D 105 20.24 -8.10 -0.15
CA CYS D 105 19.72 -7.79 -1.48
C CYS D 105 18.90 -8.92 -2.07
N SER D 106 17.63 -8.67 -2.37
CA SER D 106 16.76 -9.69 -2.91
C SER D 106 17.16 -10.15 -4.32
N THR D 107 17.69 -9.26 -5.15
CA THR D 107 18.05 -9.64 -6.52
C THR D 107 19.21 -10.63 -6.55
N THR D 108 20.24 -10.35 -5.78
CA THR D 108 21.38 -11.23 -5.68
C THR D 108 20.98 -12.56 -5.11
N GLU D 110 18.28 -14.18 -5.63
CA GLU D 110 17.77 -14.96 -6.75
C GLU D 110 18.91 -15.43 -7.63
N PHE D 111 19.87 -14.57 -7.95
CA PHE D 111 20.99 -14.95 -8.79
C PHE D 111 21.83 -16.08 -8.21
N PHE D 112 21.96 -16.15 -6.89
CA PHE D 112 22.79 -17.17 -6.26
C PHE D 112 22.01 -18.29 -5.59
N GLY D 113 20.69 -18.28 -5.76
CA GLY D 113 19.80 -19.25 -5.16
C GLY D 113 19.87 -19.31 -3.65
N ILE D 114 20.02 -18.15 -3.01
CA ILE D 114 20.07 -18.06 -1.55
C ILE D 114 18.67 -17.76 -1.04
N LYS D 115 18.26 -18.44 0.03
CA LYS D 115 16.96 -18.21 0.63
C LYS D 115 17.16 -17.55 2.01
N ARG D 116 16.11 -16.94 2.54
CA ARG D 116 16.22 -16.22 3.84
CA ARG D 116 16.19 -16.24 3.84
C ARG D 116 16.82 -17.08 4.95
N GLU D 117 16.43 -18.34 5.00
CA GLU D 117 16.90 -19.27 6.01
C GLU D 117 18.40 -19.50 5.97
N ASP D 118 19.02 -19.27 4.81
CA ASP D 118 20.46 -19.45 4.64
C ASP D 118 21.26 -18.27 5.19
N LEU D 119 20.57 -17.19 5.52
CA LEU D 119 21.27 -15.98 5.95
C LEU D 119 21.52 -15.91 7.44
N ALA D 120 22.57 -15.20 7.84
CA ALA D 120 22.88 -14.99 9.25
C ALA D 120 21.67 -14.41 9.98
N GLU D 121 21.54 -14.76 11.26
CA GLU D 121 20.42 -14.32 12.11
C GLU D 121 20.38 -12.80 12.24
N PHE D 122 21.52 -12.14 12.10
CA PHE D 122 21.61 -10.71 12.28
C PHE D 122 21.12 -9.89 11.11
N VAL D 123 20.66 -10.54 10.05
CA VAL D 123 20.08 -9.85 8.91
C VAL D 123 18.68 -9.42 9.36
N ASP D 124 18.38 -8.14 9.21
CA ASP D 124 17.10 -7.57 9.62
C ASP D 124 16.02 -7.70 8.57
N ASP D 125 16.39 -7.61 7.30
CA ASP D 125 15.38 -7.68 6.26
C ASP D 125 16.02 -7.92 4.90
N VAL D 126 15.20 -8.38 3.96
CA VAL D 126 15.59 -8.66 2.58
C VAL D 126 14.85 -7.59 1.79
N VAL D 127 15.58 -6.79 1.01
CA VAL D 127 14.98 -5.65 0.32
C VAL D 127 15.62 -5.44 -1.03
N GLY D 128 14.99 -4.60 -1.83
CA GLY D 128 15.51 -4.23 -3.12
C GLY D 128 16.24 -2.88 -3.07
N VAL D 129 16.79 -2.53 -4.22
CA VAL D 129 17.59 -1.33 -4.43
C VAL D 129 16.94 -0.03 -4.03
N ALA D 130 15.72 0.16 -4.46
CA ALA D 130 15.02 1.39 -4.14
C ALA D 130 14.90 1.60 -2.65
N THR D 131 14.70 0.51 -1.96
CA THR D 131 14.60 0.59 -0.52
C THR D 131 15.87 1.13 0.08
N PHE D 132 17.00 0.63 -0.42
CA PHE D 132 18.23 1.10 0.13
CA PHE D 132 18.40 1.12 -0.12
C PHE D 132 18.55 2.55 -0.31
N LEU D 133 18.18 2.96 -1.47
CA LEU D 133 18.34 4.33 -1.84
C LEU D 133 17.59 5.26 -0.92
N ASP D 134 16.36 4.90 -0.60
CA ASP D 134 15.57 5.70 0.28
C ASP D 134 16.19 5.81 1.64
N ARG D 135 16.68 4.70 2.14
CA ARG D 135 17.27 4.70 3.44
C ARG D 135 18.57 5.50 3.49
N ALA D 136 19.33 5.47 2.41
CA ALA D 136 20.57 6.17 2.33
C ALA D 136 20.47 7.66 2.12
N GLU D 137 19.35 8.11 1.58
CA GLU D 137 19.19 9.49 1.20
C GLU D 137 19.52 10.44 2.34
N GLY D 138 20.34 11.44 2.04
CA GLY D 138 20.70 12.48 3.00
C GLY D 138 21.89 12.15 3.87
N GLY D 139 22.40 10.95 3.85
CA GLY D 139 23.61 10.64 4.68
C GLY D 139 24.82 10.35 3.84
N THR D 140 25.91 9.91 4.46
CA THR D 140 27.08 9.52 3.72
C THR D 140 26.83 8.12 3.17
N THR D 141 27.16 7.88 1.90
CA THR D 141 26.89 6.59 1.28
C THR D 141 28.11 6.13 0.50
N LEU D 142 28.50 4.88 0.76
CA LEU D 142 29.66 4.25 0.16
C LEU D 142 29.31 2.92 -0.53
N PHE D 143 30.07 2.59 -1.58
CA PHE D 143 29.97 1.32 -2.27
C PHE D 143 31.33 0.66 -2.05
N ILE D 144 31.34 -0.45 -1.33
CA ILE D 144 32.55 -1.17 -0.99
C ILE D 144 32.58 -2.63 -1.59
#